data_7MRO
#
_entry.id   7MRO
#
_cell.length_a   44.700
_cell.length_b   56.880
_cell.length_c   130.940
_cell.angle_alpha   90.000
_cell.angle_beta   90.000
_cell.angle_gamma   90.000
#
_symmetry.space_group_name_H-M   'P 21 21 21'
#
loop_
_entity.id
_entity.type
_entity.pdbx_description
1 polymer Contactin-4
2 water water
#
_entity_poly.entity_id   1
_entity_poly.type   'polypeptide(L)'
_entity_poly.pdbx_seq_one_letter_code
;GSTGSPPGPPTSIHVEEITDTTATLSWRPGPDNHSPITAYTIQARTPFSLGWQAVSTVPEVVGGSHLTATVIELNPWVEY
EFRVLASNAVGTGEPSKPSKKARTKDTVPKVTPANVSGGGGSRSELVITWEPVPEELQNGAGFGYVVAFRPFGSTGWMQA
AVPSPEASKYVFKNETILPFSPFQVKVGAYNNKGEGPFGPVITIYSAEEEPGRAPSRLRAKSLSASDVEVSWKALPWSTS
KKRVLGYELRYWEKNEKEDASSVLRTVGNRTLAIIQGLKGSSTYYITVRAYNTAGTGPPSPVVNITTKK
;
_entity_poly.pdbx_strand_id   A
#
# COMPACT_ATOMS: atom_id res chain seq x y z
N GLY A 4 -52.24 -10.83 -13.04
CA GLY A 4 -50.94 -11.35 -13.46
C GLY A 4 -49.98 -11.52 -12.30
N SER A 5 -48.79 -12.08 -12.58
CA SER A 5 -47.79 -12.32 -11.56
C SER A 5 -46.41 -11.96 -12.11
N PRO A 6 -45.36 -11.91 -11.28
CA PRO A 6 -44.05 -11.51 -11.81
C PRO A 6 -43.59 -12.44 -12.90
N PRO A 7 -42.72 -11.96 -13.80
CA PRO A 7 -42.31 -12.78 -14.95
C PRO A 7 -41.42 -13.94 -14.51
N GLY A 8 -41.35 -14.95 -15.38
CA GLY A 8 -40.39 -16.01 -15.20
C GLY A 8 -38.99 -15.57 -15.59
N PRO A 9 -38.03 -16.46 -15.40
CA PRO A 9 -36.65 -16.17 -15.80
C PRO A 9 -36.51 -16.16 -17.31
N PRO A 10 -35.77 -15.21 -17.88
CA PRO A 10 -35.33 -15.37 -19.28
C PRO A 10 -34.32 -16.50 -19.37
N THR A 11 -34.10 -16.99 -20.59
CA THR A 11 -33.26 -18.17 -20.78
C THR A 11 -32.20 -17.91 -21.84
N SER A 12 -31.17 -18.75 -21.83
CA SER A 12 -30.15 -18.81 -22.88
C SER A 12 -29.43 -17.48 -23.04
N ILE A 13 -28.92 -16.97 -21.93
CA ILE A 13 -28.07 -15.77 -21.98
C ILE A 13 -26.80 -16.14 -22.72
N HIS A 14 -26.47 -15.38 -23.75
CA HIS A 14 -25.37 -15.70 -24.65
C HIS A 14 -24.56 -14.45 -24.93
N VAL A 15 -23.24 -14.57 -24.88
CA VAL A 15 -22.34 -13.46 -25.17
C VAL A 15 -22.15 -13.41 -26.69
N GLU A 16 -22.74 -12.40 -27.33
CA GLU A 16 -22.65 -12.25 -28.78
C GLU A 16 -21.30 -11.69 -29.20
N GLU A 17 -20.79 -10.74 -28.45
CA GLU A 17 -19.54 -10.05 -28.77
C GLU A 17 -18.97 -9.57 -27.46
N ILE A 18 -17.65 -9.61 -27.34
CA ILE A 18 -17.01 -9.07 -26.16
C ILE A 18 -15.75 -8.32 -26.59
N THR A 19 -15.58 -7.11 -26.08
CA THR A 19 -14.46 -6.25 -26.38
C THR A 19 -13.60 -6.08 -25.12
N ASP A 20 -12.85 -4.97 -25.03
CA ASP A 20 -12.09 -4.71 -23.82
C ASP A 20 -12.98 -4.18 -22.70
N THR A 21 -14.04 -3.44 -23.02
CA THR A 21 -14.89 -2.84 -22.00
C THR A 21 -16.39 -3.08 -22.18
N THR A 22 -16.81 -3.85 -23.19
CA THR A 22 -18.23 -4.08 -23.40
C THR A 22 -18.48 -5.56 -23.65
N ALA A 23 -19.73 -5.95 -23.47
CA ALA A 23 -20.18 -7.30 -23.82
C ALA A 23 -21.62 -7.19 -24.31
N THR A 24 -21.86 -7.63 -25.53
CA THR A 24 -23.21 -7.61 -26.08
C THR A 24 -23.86 -8.97 -25.82
N LEU A 25 -25.02 -8.96 -25.18
CA LEU A 25 -25.70 -10.18 -24.77
C LEU A 25 -26.98 -10.35 -25.57
N SER A 26 -27.42 -11.59 -25.70
CA SER A 26 -28.77 -11.89 -26.16
C SER A 26 -29.43 -12.86 -25.19
N TRP A 27 -30.76 -12.89 -25.22
CA TRP A 27 -31.50 -13.82 -24.38
C TRP A 27 -32.85 -14.14 -25.02
N ARG A 28 -33.45 -15.21 -24.53
CA ARG A 28 -34.78 -15.64 -24.91
C ARG A 28 -35.76 -15.26 -23.82
N PRO A 29 -36.93 -14.70 -24.16
CA PRO A 29 -37.87 -14.29 -23.11
C PRO A 29 -38.47 -15.50 -22.42
N GLY A 30 -38.69 -15.36 -21.12
CA GLY A 30 -39.46 -16.33 -20.37
C GLY A 30 -40.91 -15.90 -20.32
N PRO A 31 -41.74 -16.67 -19.61
CA PRO A 31 -43.16 -16.30 -19.50
C PRO A 31 -43.32 -14.93 -18.87
N ASP A 32 -44.26 -14.15 -19.41
CA ASP A 32 -44.61 -12.89 -18.78
C ASP A 32 -45.70 -13.04 -17.73
N ASN A 33 -46.36 -14.19 -17.67
CA ASN A 33 -47.40 -14.48 -16.67
C ASN A 33 -48.47 -13.39 -16.67
N HIS A 34 -48.95 -13.07 -17.87
CA HIS A 34 -50.16 -12.26 -18.09
C HIS A 34 -49.99 -10.80 -17.66
N SER A 35 -48.76 -10.32 -17.58
CA SER A 35 -48.48 -8.90 -17.47
C SER A 35 -47.26 -8.61 -18.33
N PRO A 36 -47.39 -7.78 -19.37
CA PRO A 36 -46.31 -7.65 -20.35
C PRO A 36 -45.00 -7.17 -19.72
N ILE A 37 -43.91 -7.77 -20.18
CA ILE A 37 -42.59 -7.43 -19.69
C ILE A 37 -42.26 -5.98 -20.02
N THR A 38 -41.86 -5.21 -19.01
CA THR A 38 -41.57 -3.80 -19.16
C THR A 38 -40.08 -3.46 -19.09
N ALA A 39 -39.25 -4.33 -18.52
CA ALA A 39 -37.83 -4.03 -18.49
C ALA A 39 -37.02 -5.30 -18.30
N TYR A 40 -35.80 -5.28 -18.81
CA TYR A 40 -34.79 -6.29 -18.50
C TYR A 40 -33.62 -5.62 -17.80
N THR A 41 -33.11 -6.25 -16.74
CA THR A 41 -31.90 -5.75 -16.11
C THR A 41 -30.85 -6.84 -16.06
N ILE A 42 -29.60 -6.44 -16.21
CA ILE A 42 -28.46 -7.34 -16.30
C ILE A 42 -27.60 -7.16 -15.07
N GLN A 43 -27.05 -8.27 -14.57
CA GLN A 43 -26.09 -8.28 -13.48
C GLN A 43 -24.89 -9.11 -13.92
N ALA A 44 -23.76 -8.85 -13.27
CA ALA A 44 -22.52 -9.52 -13.58
C ALA A 44 -21.86 -10.03 -12.31
N ARG A 45 -21.04 -11.06 -12.45
CA ARG A 45 -20.24 -11.62 -11.37
C ARG A 45 -18.83 -11.83 -11.89
N THR A 46 -17.84 -11.53 -11.06
CA THR A 46 -16.42 -11.66 -11.38
C THR A 46 -15.73 -12.33 -10.20
N PRO A 47 -14.53 -12.86 -10.39
CA PRO A 47 -13.82 -13.50 -9.27
C PRO A 47 -13.31 -12.54 -8.23
N PHE A 48 -13.41 -11.22 -8.44
CA PHE A 48 -12.78 -10.27 -7.55
C PHE A 48 -13.76 -9.57 -6.61
N SER A 49 -15.06 -9.77 -6.80
CA SER A 49 -16.07 -9.16 -5.95
C SER A 49 -17.09 -10.20 -5.53
N LEU A 50 -17.72 -9.96 -4.38
CA LEU A 50 -18.71 -10.88 -3.86
C LEU A 50 -20.05 -10.62 -4.53
N GLY A 51 -20.62 -11.68 -5.13
CA GLY A 51 -22.02 -11.66 -5.51
C GLY A 51 -22.30 -10.99 -6.84
N TRP A 52 -23.58 -10.97 -7.18
CA TRP A 52 -24.03 -10.40 -8.45
C TRP A 52 -24.22 -8.90 -8.30
N GLN A 53 -23.75 -8.14 -9.29
CA GLN A 53 -23.77 -6.69 -9.20
C GLN A 53 -24.41 -6.07 -10.43
N ALA A 54 -25.12 -4.96 -10.23
CA ALA A 54 -25.72 -4.26 -11.36
C ALA A 54 -24.65 -3.74 -12.31
N VAL A 55 -25.01 -3.67 -13.61
CA VAL A 55 -24.13 -3.11 -14.63
C VAL A 55 -24.90 -2.11 -15.46
N SER A 56 -24.16 -1.21 -16.10
CA SER A 56 -24.71 -0.20 -16.98
C SER A 56 -24.81 -0.76 -18.40
N THR A 57 -25.80 -0.27 -19.15
CA THR A 57 -26.08 -0.83 -20.46
C THR A 57 -26.29 0.28 -21.48
N VAL A 58 -26.10 -0.07 -22.75
CA VAL A 58 -26.65 0.65 -23.88
C VAL A 58 -27.66 -0.28 -24.55
N PRO A 59 -28.92 0.13 -24.71
CA PRO A 59 -29.52 1.38 -24.24
C PRO A 59 -29.57 1.45 -22.71
N GLU A 60 -29.66 2.67 -22.16
CA GLU A 60 -29.53 2.86 -20.71
C GLU A 60 -30.60 2.08 -19.95
N VAL A 61 -31.80 2.03 -20.50
CA VAL A 61 -32.89 1.21 -19.99
C VAL A 61 -33.22 0.21 -21.07
N VAL A 62 -33.21 -1.07 -20.72
CA VAL A 62 -33.49 -2.15 -21.67
C VAL A 62 -34.98 -2.45 -21.60
N GLY A 63 -35.71 -2.10 -22.65
CA GLY A 63 -37.16 -2.24 -22.65
C GLY A 63 -37.59 -3.68 -22.83
N GLY A 64 -38.87 -3.90 -22.57
CA GLY A 64 -39.42 -5.25 -22.61
C GLY A 64 -39.44 -5.88 -23.98
N SER A 65 -39.29 -5.09 -25.03
CA SER A 65 -39.22 -5.60 -26.40
C SER A 65 -37.79 -5.80 -26.89
N HIS A 66 -36.79 -5.56 -26.03
CA HIS A 66 -35.39 -5.77 -26.39
C HIS A 66 -34.95 -7.13 -25.87
N LEU A 67 -34.35 -7.94 -26.75
CA LEU A 67 -33.80 -9.23 -26.36
C LEU A 67 -32.29 -9.23 -26.48
N THR A 68 -31.68 -8.05 -26.54
CA THR A 68 -30.25 -7.89 -26.66
C THR A 68 -29.92 -6.50 -26.12
N ALA A 69 -28.70 -6.36 -25.61
CA ALA A 69 -28.21 -5.08 -25.10
C ALA A 69 -26.71 -5.22 -24.95
N THR A 70 -26.02 -4.10 -24.78
CA THR A 70 -24.57 -4.12 -24.58
C THR A 70 -24.26 -3.64 -23.17
N VAL A 71 -23.56 -4.47 -22.42
CA VAL A 71 -23.06 -4.06 -21.11
C VAL A 71 -21.82 -3.21 -21.33
N ILE A 72 -21.71 -2.08 -20.62
CA ILE A 72 -20.58 -1.17 -20.83
C ILE A 72 -19.80 -1.01 -19.53
N GLU A 73 -18.65 -0.32 -19.64
CA GLU A 73 -17.78 0.01 -18.50
C GLU A 73 -17.27 -1.23 -17.79
N LEU A 74 -17.06 -2.31 -18.52
CA LEU A 74 -16.37 -3.46 -17.96
C LEU A 74 -14.86 -3.21 -17.94
N ASN A 75 -14.15 -4.00 -17.14
CA ASN A 75 -12.70 -3.91 -17.05
C ASN A 75 -12.02 -4.88 -17.99
N PRO A 76 -10.97 -4.44 -18.70
CA PRO A 76 -10.25 -5.34 -19.60
C PRO A 76 -9.62 -6.53 -18.86
N TRP A 77 -9.57 -7.66 -19.56
CA TRP A 77 -8.95 -8.89 -19.08
C TRP A 77 -9.54 -9.35 -17.75
N VAL A 78 -10.87 -9.30 -17.64
CA VAL A 78 -11.58 -9.82 -16.48
C VAL A 78 -12.59 -10.86 -16.95
N GLU A 79 -12.70 -11.96 -16.19
CA GLU A 79 -13.65 -13.03 -16.47
C GLU A 79 -15.03 -12.68 -15.89
N TYR A 80 -16.03 -12.54 -16.76
CA TYR A 80 -17.38 -12.14 -16.36
C TYR A 80 -18.39 -13.25 -16.60
N GLU A 81 -19.31 -13.39 -15.64
CA GLU A 81 -20.59 -14.06 -15.80
C GLU A 81 -21.68 -13.01 -15.83
N PHE A 82 -22.69 -13.22 -16.69
CA PHE A 82 -23.84 -12.31 -16.74
C PHE A 82 -25.14 -13.07 -16.52
N ARG A 83 -26.15 -12.36 -16.01
CA ARG A 83 -27.48 -12.95 -15.92
C ARG A 83 -28.50 -11.83 -16.08
N VAL A 84 -29.74 -12.20 -16.41
CA VAL A 84 -30.74 -11.23 -16.82
C VAL A 84 -32.01 -11.46 -16.02
N LEU A 85 -32.62 -10.36 -15.58
CA LEU A 85 -33.87 -10.41 -14.83
C LEU A 85 -34.95 -9.69 -15.63
N ALA A 86 -36.17 -10.24 -15.62
CA ALA A 86 -37.30 -9.62 -16.30
C ALA A 86 -38.25 -9.02 -15.28
N SER A 87 -38.83 -7.86 -15.62
CA SER A 87 -39.80 -7.17 -14.79
C SER A 87 -41.05 -6.88 -15.60
N ASN A 88 -42.19 -6.86 -14.91
CA ASN A 88 -43.40 -6.31 -15.48
C ASN A 88 -44.05 -5.38 -14.46
N ALA A 89 -45.29 -4.98 -14.70
CA ALA A 89 -45.97 -4.08 -13.78
C ALA A 89 -46.14 -4.71 -12.40
N VAL A 90 -46.11 -6.04 -12.31
CA VAL A 90 -46.35 -6.70 -11.03
C VAL A 90 -45.08 -6.76 -10.19
N GLY A 91 -43.96 -7.12 -10.80
CA GLY A 91 -42.71 -7.13 -10.08
C GLY A 91 -41.57 -7.64 -10.95
N THR A 92 -40.45 -7.94 -10.30
CA THR A 92 -39.27 -8.46 -10.98
C THR A 92 -39.18 -9.97 -10.74
N GLY A 93 -38.91 -10.72 -11.79
CA GLY A 93 -38.86 -12.17 -11.69
C GLY A 93 -37.51 -12.68 -11.23
N GLU A 94 -37.40 -14.00 -11.19
CA GLU A 94 -36.16 -14.67 -10.82
C GLU A 94 -35.09 -14.45 -11.89
N PRO A 95 -33.82 -14.38 -11.50
CA PRO A 95 -32.76 -14.19 -12.49
C PRO A 95 -32.59 -15.43 -13.36
N SER A 96 -32.13 -15.19 -14.59
CA SER A 96 -31.77 -16.28 -15.49
C SER A 96 -30.60 -17.07 -14.95
N LYS A 97 -30.40 -18.26 -15.51
CA LYS A 97 -29.13 -18.95 -15.32
C LYS A 97 -28.01 -18.11 -15.95
N PRO A 98 -26.80 -18.20 -15.41
CA PRO A 98 -25.72 -17.31 -15.90
C PRO A 98 -25.21 -17.73 -17.26
N SER A 99 -24.62 -16.76 -17.96
CA SER A 99 -23.92 -17.03 -19.21
C SER A 99 -22.63 -17.78 -18.93
N LYS A 100 -22.14 -18.49 -19.94
CA LYS A 100 -20.82 -19.10 -19.84
C LYS A 100 -19.77 -18.03 -19.62
N LYS A 101 -18.83 -18.27 -18.70
CA LYS A 101 -17.82 -17.27 -18.38
C LYS A 101 -17.07 -16.83 -19.63
N ALA A 102 -16.82 -15.52 -19.73
CA ALA A 102 -16.08 -14.97 -20.86
C ALA A 102 -15.18 -13.85 -20.35
N ARG A 103 -13.96 -13.78 -20.88
CA ARG A 103 -13.01 -12.76 -20.48
C ARG A 103 -13.03 -11.61 -21.48
N THR A 104 -13.07 -10.38 -20.95
CA THR A 104 -12.90 -9.21 -21.80
C THR A 104 -11.49 -9.18 -22.39
N LYS A 105 -11.34 -8.50 -23.52
CA LYS A 105 -10.04 -8.37 -24.18
C LYS A 105 -9.09 -7.54 -23.33
N ASP A 106 -7.79 -7.73 -23.53
CA ASP A 106 -6.83 -7.01 -22.71
C ASP A 106 -6.40 -5.70 -23.37
N THR A 107 -5.83 -4.81 -22.57
CA THR A 107 -5.28 -3.53 -22.99
C THR A 107 -4.09 -3.22 -22.10
N VAL A 108 -3.38 -2.14 -22.41
CA VAL A 108 -2.32 -1.65 -21.53
C VAL A 108 -2.95 -1.12 -20.24
N PRO A 109 -2.22 -1.06 -19.13
CA PRO A 109 -2.76 -0.47 -17.91
C PRO A 109 -3.15 0.98 -18.16
N LYS A 110 -4.23 1.41 -17.51
CA LYS A 110 -4.70 2.78 -17.61
C LYS A 110 -4.40 3.60 -16.36
N VAL A 111 -4.52 3.01 -15.17
CA VAL A 111 -4.27 3.75 -13.94
C VAL A 111 -2.78 3.81 -13.67
N THR A 112 -2.40 4.72 -12.83
CA THR A 112 -1.07 4.70 -12.24
C THR A 112 -1.14 4.15 -10.82
N PRO A 113 -0.07 3.50 -10.34
CA PRO A 113 -0.05 3.05 -8.95
C PRO A 113 -0.26 4.22 -7.99
N ALA A 114 -1.16 4.04 -7.04
CA ALA A 114 -1.54 5.14 -6.16
C ALA A 114 -0.60 5.26 -4.98
N ASN A 115 -0.62 6.44 -4.35
CA ASN A 115 -0.02 6.64 -3.03
C ASN A 115 1.49 6.32 -3.03
N VAL A 116 2.18 6.81 -4.06
CA VAL A 116 3.62 6.58 -4.13
C VAL A 116 4.33 7.35 -3.01
N SER A 117 5.26 6.68 -2.34
CA SER A 117 6.07 7.32 -1.33
C SER A 117 7.41 6.59 -1.26
N GLY A 118 8.11 6.75 -0.16
CA GLY A 118 9.38 6.06 0.01
C GLY A 118 10.29 6.80 0.98
N GLY A 119 11.44 6.19 1.24
CA GLY A 119 12.38 6.71 2.20
C GLY A 119 12.80 5.65 3.21
N GLY A 120 13.83 6.01 3.97
CA GLY A 120 14.37 5.09 4.96
C GLY A 120 15.18 3.99 4.28
N GLY A 121 15.40 2.93 5.05
CA GLY A 121 16.10 1.75 4.56
C GLY A 121 17.48 1.61 5.20
N SER A 122 18.22 0.64 4.68
CA SER A 122 19.57 0.34 5.16
C SER A 122 20.61 1.09 4.33
N ARG A 123 21.88 0.94 4.73
CA ARG A 123 22.98 1.73 4.18
C ARG A 123 23.01 1.72 2.66
N SER A 124 23.05 2.93 2.08
CA SER A 124 23.20 3.11 0.63
C SER A 124 22.02 2.54 -0.15
N GLU A 125 20.82 2.60 0.42
CA GLU A 125 19.62 2.15 -0.27
C GLU A 125 18.71 3.33 -0.58
N LEU A 126 17.83 3.12 -1.55
CA LEU A 126 16.74 4.03 -1.85
C LEU A 126 15.48 3.17 -1.87
N VAL A 127 14.50 3.51 -1.03
CA VAL A 127 13.32 2.70 -0.84
C VAL A 127 12.12 3.44 -1.42
N ILE A 128 11.42 2.79 -2.34
CA ILE A 128 10.25 3.37 -3.00
C ILE A 128 9.05 2.48 -2.71
N THR A 129 7.90 3.09 -2.40
CA THR A 129 6.69 2.33 -2.07
C THR A 129 5.51 2.87 -2.87
N TRP A 130 4.48 2.02 -2.97
CA TRP A 130 3.24 2.36 -3.67
C TRP A 130 2.16 1.38 -3.25
N GLU A 131 0.92 1.73 -3.57
CA GLU A 131 -0.21 0.83 -3.33
C GLU A 131 -0.32 -0.13 -4.52
N PRO A 132 -0.33 -1.44 -4.28
CA PRO A 132 -0.49 -2.38 -5.41
C PRO A 132 -1.78 -2.09 -6.16
N VAL A 133 -1.70 -2.22 -7.48
CA VAL A 133 -2.87 -1.96 -8.34
C VAL A 133 -3.85 -3.11 -8.22
N PRO A 134 -5.12 -2.86 -7.92
CA PRO A 134 -6.08 -3.95 -7.78
C PRO A 134 -6.16 -4.80 -9.05
N GLU A 135 -6.42 -6.09 -8.85
CA GLU A 135 -6.40 -7.07 -9.93
C GLU A 135 -7.29 -6.64 -11.10
N GLU A 136 -8.47 -6.11 -10.81
CA GLU A 136 -9.38 -5.83 -11.93
C GLU A 136 -8.99 -4.59 -12.71
N LEU A 137 -8.01 -3.83 -12.25
CA LEU A 137 -7.50 -2.67 -12.98
C LEU A 137 -6.17 -2.95 -13.68
N GLN A 138 -5.72 -4.21 -13.67
CA GLN A 138 -4.40 -4.52 -14.25
C GLN A 138 -4.46 -4.65 -15.77
N ASN A 139 -5.62 -4.99 -16.32
CA ASN A 139 -6.00 -4.94 -17.74
C ASN A 139 -5.32 -5.99 -18.62
N GLY A 140 -4.49 -6.86 -18.08
CA GLY A 140 -3.88 -7.91 -18.89
C GLY A 140 -2.93 -8.72 -18.06
N ALA A 141 -2.53 -9.86 -18.61
CA ALA A 141 -1.58 -10.75 -17.96
C ALA A 141 -0.17 -10.16 -17.96
N GLY A 142 0.70 -10.74 -17.15
CA GLY A 142 2.08 -10.27 -17.08
C GLY A 142 2.23 -8.89 -16.45
N PHE A 143 1.38 -8.56 -15.48
CA PHE A 143 1.33 -7.22 -14.93
C PHE A 143 2.51 -6.98 -13.98
N GLY A 144 3.05 -5.78 -14.02
CA GLY A 144 4.16 -5.43 -13.14
C GLY A 144 4.29 -3.93 -13.02
N TYR A 145 5.33 -3.50 -12.29
CA TYR A 145 5.57 -2.10 -12.03
C TYR A 145 6.89 -1.65 -12.64
N VAL A 146 6.90 -0.43 -13.16
CA VAL A 146 8.12 0.24 -13.59
C VAL A 146 8.39 1.36 -12.60
N VAL A 147 9.52 1.28 -11.92
CA VAL A 147 9.91 2.25 -10.90
C VAL A 147 11.05 3.08 -11.46
N ALA A 148 10.82 4.37 -11.68
CA ALA A 148 11.82 5.23 -12.28
C ALA A 148 12.38 6.20 -11.25
N PHE A 149 13.69 6.43 -11.29
CA PHE A 149 14.29 7.31 -10.30
C PHE A 149 15.58 7.92 -10.83
N ARG A 150 15.95 9.06 -10.24
CA ARG A 150 17.20 9.69 -10.62
C ARG A 150 17.62 10.64 -9.54
N PRO A 151 18.91 10.75 -9.24
CA PRO A 151 19.34 11.69 -8.19
C PRO A 151 18.95 13.09 -8.59
N PHE A 152 18.48 13.85 -7.61
CA PHE A 152 18.15 15.26 -7.85
C PHE A 152 19.34 15.95 -8.50
N GLY A 153 19.08 16.66 -9.60
CA GLY A 153 20.13 17.37 -10.30
C GLY A 153 20.77 16.61 -11.44
N SER A 154 20.20 15.48 -11.86
CA SER A 154 20.69 14.74 -13.00
C SER A 154 19.57 14.61 -14.03
N THR A 155 19.94 14.17 -15.23
CA THR A 155 19.00 14.05 -16.33
C THR A 155 18.63 12.61 -16.66
N GLY A 156 19.60 11.71 -16.71
CA GLY A 156 19.30 10.33 -17.09
C GLY A 156 18.52 9.60 -16.01
N TRP A 157 17.45 8.93 -16.43
CA TRP A 157 16.62 8.12 -15.55
C TRP A 157 17.15 6.70 -15.43
N MET A 158 16.87 6.07 -14.29
CA MET A 158 17.00 4.64 -14.13
C MET A 158 15.62 4.02 -13.98
N GLN A 159 15.38 2.90 -14.64
CA GLN A 159 14.11 2.20 -14.53
C GLN A 159 14.32 0.78 -14.00
N ALA A 160 13.64 0.45 -12.92
CA ALA A 160 13.61 -0.91 -12.38
C ALA A 160 12.24 -1.51 -12.63
N ALA A 161 12.20 -2.74 -13.13
CA ALA A 161 10.94 -3.45 -13.29
C ALA A 161 10.73 -4.37 -12.10
N VAL A 162 9.50 -4.41 -11.62
CA VAL A 162 9.10 -5.23 -10.49
C VAL A 162 7.98 -6.16 -10.97
N PRO A 163 8.30 -7.39 -11.33
CA PRO A 163 7.33 -8.23 -12.04
C PRO A 163 6.36 -8.95 -11.12
N SER A 164 6.10 -8.41 -9.94
CA SER A 164 5.15 -9.04 -9.02
C SER A 164 3.95 -8.13 -8.84
N PRO A 165 2.76 -8.53 -9.32
CA PRO A 165 1.60 -7.62 -9.25
C PRO A 165 1.24 -7.23 -7.83
N GLU A 166 1.61 -8.04 -6.85
CA GLU A 166 1.33 -7.82 -5.43
C GLU A 166 2.35 -6.90 -4.76
N ALA A 167 3.49 -6.65 -5.39
CA ALA A 167 4.56 -5.89 -4.74
C ALA A 167 4.12 -4.45 -4.46
N SER A 168 4.68 -3.90 -3.38
CA SER A 168 4.39 -2.54 -2.95
C SER A 168 5.65 -1.77 -2.59
N LYS A 169 6.83 -2.31 -2.91
CA LYS A 169 8.08 -1.70 -2.49
C LYS A 169 9.17 -2.13 -3.48
N TYR A 170 10.09 -1.21 -3.78
CA TYR A 170 11.31 -1.52 -4.50
C TYR A 170 12.47 -0.90 -3.72
N VAL A 171 13.55 -1.65 -3.55
CA VAL A 171 14.72 -1.18 -2.84
C VAL A 171 15.87 -1.16 -3.82
N PHE A 172 16.38 0.03 -4.11
CA PHE A 172 17.58 0.19 -4.93
C PHE A 172 18.79 0.30 -4.01
N LYS A 173 19.78 -0.55 -4.23
CA LYS A 173 21.01 -0.48 -3.44
C LYS A 173 22.18 -0.22 -4.36
N ASN A 174 22.93 0.85 -4.06
CA ASN A 174 24.12 1.22 -4.81
C ASN A 174 25.02 2.06 -3.91
N GLU A 175 26.34 1.89 -4.05
CA GLU A 175 27.24 2.47 -3.07
C GLU A 175 27.55 3.94 -3.30
N THR A 176 27.15 4.48 -4.44
CA THR A 176 27.40 5.87 -4.75
C THR A 176 26.28 6.77 -4.24
N ILE A 177 25.28 6.22 -3.56
CA ILE A 177 24.26 7.02 -2.93
C ILE A 177 24.81 7.53 -1.60
N LEU A 178 25.04 8.83 -1.50
CA LEU A 178 25.37 9.43 -0.23
C LEU A 178 24.13 9.40 0.67
N PRO A 179 24.31 9.44 1.99
CA PRO A 179 23.16 9.26 2.89
C PRO A 179 22.15 10.40 2.77
N PHE A 180 20.87 10.03 2.80
CA PHE A 180 19.78 10.99 2.93
C PHE A 180 19.87 12.06 1.84
N SER A 181 20.00 11.61 0.60
CA SER A 181 20.13 12.30 -0.69
C SER A 181 18.79 12.30 -1.41
N PRO A 182 18.42 13.43 -2.03
CA PRO A 182 17.13 13.52 -2.70
C PRO A 182 17.14 12.91 -4.10
N PHE A 183 16.06 12.16 -4.40
CA PHE A 183 15.84 11.54 -5.70
C PHE A 183 14.48 11.93 -6.23
N GLN A 184 14.39 12.11 -7.53
CA GLN A 184 13.07 12.17 -8.17
C GLN A 184 12.63 10.76 -8.52
N VAL A 185 11.36 10.47 -8.28
CA VAL A 185 10.80 9.13 -8.38
C VAL A 185 9.43 9.25 -9.05
N LYS A 186 9.14 8.32 -9.96
CA LYS A 186 7.79 8.15 -10.49
C LYS A 186 7.58 6.66 -10.77
N VAL A 187 6.33 6.20 -10.66
CA VAL A 187 6.01 4.79 -10.75
C VAL A 187 4.90 4.57 -11.76
N GLY A 188 5.09 3.57 -12.64
CA GLY A 188 4.09 3.20 -13.61
C GLY A 188 3.85 1.70 -13.59
N ALA A 189 2.88 1.27 -14.39
CA ALA A 189 2.55 -0.14 -14.50
C ALA A 189 2.81 -0.61 -15.94
N TYR A 190 2.91 -1.91 -16.11
CA TYR A 190 2.97 -2.49 -17.45
C TYR A 190 2.29 -3.85 -17.41
N ASN A 191 2.00 -4.37 -18.60
CA ASN A 191 1.58 -5.75 -18.71
C ASN A 191 1.99 -6.24 -20.09
N ASN A 192 1.50 -7.43 -20.48
CA ASN A 192 1.92 -8.03 -21.74
C ASN A 192 1.55 -7.17 -22.94
N LYS A 193 0.58 -6.26 -22.81
CA LYS A 193 0.14 -5.43 -23.93
C LYS A 193 0.95 -4.16 -24.11
N GLY A 194 1.63 -3.71 -23.07
CA GLY A 194 2.45 -2.52 -23.16
C GLY A 194 2.51 -1.81 -21.82
N GLU A 195 2.98 -0.57 -21.86
CA GLU A 195 3.21 0.22 -20.65
C GLU A 195 2.06 1.16 -20.39
N GLY A 196 1.74 1.33 -19.12
CA GLY A 196 0.84 2.36 -18.67
C GLY A 196 1.59 3.63 -18.35
N PRO A 197 0.85 4.67 -17.95
CA PRO A 197 1.49 5.96 -17.67
C PRO A 197 2.21 5.96 -16.34
N PHE A 198 3.24 6.80 -16.25
CA PHE A 198 3.82 7.12 -14.96
C PHE A 198 2.91 8.07 -14.21
N GLY A 199 2.89 7.92 -12.88
CA GLY A 199 2.30 8.92 -12.04
C GLY A 199 3.18 10.14 -11.92
N PRO A 200 2.73 11.11 -11.12
CA PRO A 200 3.51 12.35 -10.96
C PRO A 200 4.85 12.07 -10.29
N VAL A 201 5.82 12.92 -10.62
CA VAL A 201 7.15 12.83 -10.02
C VAL A 201 7.11 13.36 -8.60
N ILE A 202 7.75 12.64 -7.67
CA ILE A 202 7.85 13.12 -6.30
C ILE A 202 9.30 13.01 -5.84
N THR A 203 9.61 13.71 -4.74
CA THR A 203 10.94 13.69 -4.14
C THR A 203 10.98 12.68 -2.99
N ILE A 204 11.94 11.75 -3.06
CA ILE A 204 12.16 10.74 -2.04
C ILE A 204 13.62 10.80 -1.62
N TYR A 205 13.88 10.68 -0.32
CA TYR A 205 15.25 10.69 0.18
C TYR A 205 15.75 9.27 0.37
N SER A 206 17.03 9.05 0.06
CA SER A 206 17.65 7.76 0.27
C SER A 206 17.84 7.52 1.77
N ALA A 207 18.29 6.30 2.11
CA ALA A 207 18.48 5.95 3.51
C ALA A 207 19.55 6.81 4.17
N GLU A 208 19.40 6.99 5.47
CA GLU A 208 20.39 7.71 6.26
C GLU A 208 21.55 6.79 6.64
N GLU A 209 22.52 7.35 7.34
CA GLU A 209 23.60 6.61 7.99
C GLU A 209 23.50 6.83 9.48
N GLU A 210 23.77 5.78 10.25
CA GLU A 210 23.68 5.90 11.70
C GLU A 210 24.59 7.02 12.18
N PRO A 211 24.22 7.74 13.24
CA PRO A 211 25.11 8.77 13.78
C PRO A 211 26.47 8.18 14.12
N GLY A 212 27.52 8.94 13.85
CA GLY A 212 28.86 8.41 14.05
C GLY A 212 29.53 8.79 15.35
N ARG A 213 28.84 9.55 16.21
CA ARG A 213 29.39 10.06 17.47
C ARG A 213 28.59 9.48 18.64
N ALA A 214 29.28 9.12 19.73
CA ALA A 214 28.56 8.85 20.96
C ALA A 214 28.18 10.14 21.69
N PRO A 215 27.05 10.17 22.41
CA PRO A 215 26.74 11.35 23.24
C PRO A 215 27.74 11.44 24.39
N SER A 216 27.87 12.65 24.95
CA SER A 216 28.78 12.83 26.07
C SER A 216 28.06 13.30 27.34
N ARG A 217 28.83 13.42 28.43
CA ARG A 217 28.37 13.96 29.71
C ARG A 217 27.15 13.22 30.26
N LEU A 218 27.07 11.91 30.05
CA LEU A 218 25.97 11.15 30.62
C LEU A 218 26.06 11.18 32.15
N ARG A 219 24.99 11.64 32.79
CA ARG A 219 24.89 11.70 34.24
C ARG A 219 23.55 11.14 34.68
N ALA A 220 23.53 10.55 35.87
CA ALA A 220 22.28 10.03 36.43
C ALA A 220 22.15 10.46 37.88
N LYS A 221 20.93 10.81 38.28
CA LYS A 221 20.65 11.24 39.63
C LYS A 221 19.42 10.50 40.12
N SER A 222 19.51 9.93 41.31
CA SER A 222 18.39 9.19 41.88
C SER A 222 17.41 10.16 42.51
N LEU A 223 16.14 10.12 42.08
CA LEU A 223 15.11 10.98 42.63
C LEU A 223 14.29 10.33 43.72
N SER A 224 14.16 9.01 43.68
CA SER A 224 13.37 8.27 44.67
C SER A 224 13.80 6.81 44.58
N ALA A 225 13.04 5.95 45.25
CA ALA A 225 13.32 4.51 45.18
C ALA A 225 13.06 3.95 43.78
N SER A 226 12.25 4.64 42.97
CA SER A 226 11.88 4.11 41.67
C SER A 226 12.20 5.01 40.49
N ASP A 227 12.61 6.26 40.69
CA ASP A 227 12.81 7.21 39.60
C ASP A 227 14.25 7.67 39.53
N VAL A 228 14.80 7.73 38.31
CA VAL A 228 16.16 8.22 38.07
C VAL A 228 16.11 9.26 36.96
N GLU A 229 16.75 10.41 37.19
CA GLU A 229 16.87 11.48 36.21
C GLU A 229 18.16 11.32 35.44
N VAL A 230 18.05 11.14 34.13
CA VAL A 230 19.20 10.90 33.26
C VAL A 230 19.35 12.11 32.36
N SER A 231 20.58 12.61 32.24
CA SER A 231 20.84 13.76 31.39
C SER A 231 22.15 13.51 30.64
N TRP A 232 22.28 14.18 29.50
CA TRP A 232 23.47 14.01 28.66
C TRP A 232 23.58 15.25 27.77
N LYS A 233 24.69 15.32 27.02
CA LYS A 233 24.92 16.41 26.09
C LYS A 233 24.63 15.95 24.68
N ALA A 234 23.84 16.74 23.94
CA ALA A 234 23.50 16.45 22.55
C ALA A 234 24.75 16.29 21.69
N LEU A 235 24.64 15.47 20.64
CA LEU A 235 25.70 15.43 19.63
C LEU A 235 25.84 16.80 18.98
N PRO A 236 27.06 17.30 18.80
CA PRO A 236 27.23 18.55 18.07
C PRO A 236 27.06 18.35 16.58
N TRP A 237 26.75 19.46 15.91
CA TRP A 237 26.84 19.59 14.45
C TRP A 237 25.90 18.67 13.69
N SER A 238 24.80 18.24 14.31
CA SER A 238 23.72 17.60 13.58
C SER A 238 22.94 18.64 12.79
N THR A 239 22.45 18.23 11.62
CA THR A 239 21.77 19.13 10.71
C THR A 239 20.54 18.43 10.14
N SER A 240 19.80 19.17 9.30
CA SER A 240 18.67 18.59 8.59
C SER A 240 19.10 17.56 7.55
N LYS A 241 20.40 17.51 7.19
CA LYS A 241 20.94 16.53 6.26
C LYS A 241 21.62 15.36 6.93
N LYS A 242 22.29 15.60 8.06
CA LYS A 242 22.95 14.55 8.85
C LYS A 242 22.25 14.56 10.20
N ARG A 243 21.17 13.79 10.32
CA ARG A 243 20.19 14.02 11.35
C ARG A 243 20.47 13.20 12.60
N VAL A 244 20.10 13.77 13.74
CA VAL A 244 19.95 13.03 14.98
C VAL A 244 18.51 13.27 15.41
N LEU A 245 17.69 12.22 15.36
CA LEU A 245 16.26 12.35 15.63
C LEU A 245 15.95 12.33 17.11
N GLY A 246 16.80 11.67 17.89
CA GLY A 246 16.58 11.50 19.30
C GLY A 246 17.68 10.61 19.86
N TYR A 247 17.45 10.14 21.08
CA TYR A 247 18.42 9.31 21.78
C TYR A 247 17.75 8.05 22.29
N GLU A 248 18.55 6.99 22.45
CA GLU A 248 18.06 5.73 23.00
C GLU A 248 18.81 5.45 24.30
N LEU A 249 18.06 5.40 25.40
CA LEU A 249 18.60 5.01 26.70
C LEU A 249 18.36 3.52 26.91
N ARG A 250 19.42 2.80 27.28
CA ARG A 250 19.31 1.41 27.69
C ARG A 250 19.71 1.31 29.16
N TYR A 251 18.93 0.57 29.94
CA TYR A 251 19.23 0.46 31.36
C TYR A 251 18.90 -0.94 31.84
N TRP A 252 19.79 -1.49 32.66
CA TRP A 252 19.64 -2.83 33.17
C TRP A 252 20.17 -2.87 34.59
N GLU A 253 19.59 -3.75 35.40
CA GLU A 253 20.01 -3.87 36.78
C GLU A 253 21.38 -4.53 36.84
N LYS A 254 22.13 -4.19 37.89
CA LYS A 254 23.41 -4.84 38.15
C LYS A 254 23.21 -6.35 38.19
N ASN A 255 24.17 -7.09 37.64
CA ASN A 255 24.13 -8.54 37.58
C ASN A 255 22.99 -9.06 36.72
N GLU A 256 22.45 -8.22 35.84
CA GLU A 256 21.66 -8.64 34.70
C GLU A 256 22.48 -8.44 33.44
N LYS A 257 22.14 -9.18 32.40
CA LYS A 257 22.86 -9.07 31.14
C LYS A 257 22.42 -7.82 30.40
N GLU A 258 23.38 -7.18 29.74
CA GLU A 258 23.10 -6.01 28.92
C GLU A 258 22.05 -6.31 27.84
N ASP A 259 21.93 -7.58 27.42
CA ASP A 259 20.99 -7.97 26.38
C ASP A 259 19.53 -7.87 26.83
N ALA A 260 19.26 -7.97 28.13
CA ALA A 260 17.92 -7.89 28.68
C ALA A 260 17.56 -6.48 29.14
N SER A 261 18.20 -5.46 28.57
CA SER A 261 18.00 -4.11 29.05
C SER A 261 16.65 -3.56 28.60
N SER A 262 16.09 -2.68 29.43
CA SER A 262 14.96 -1.88 29.02
C SER A 262 15.43 -0.72 28.14
N VAL A 263 14.50 -0.17 27.36
CA VAL A 263 14.83 0.84 26.35
C VAL A 263 13.82 1.97 26.44
N LEU A 264 14.32 3.20 26.56
CA LEU A 264 13.51 4.41 26.46
C LEU A 264 14.11 5.27 25.37
N ARG A 265 13.28 5.78 24.46
CA ARG A 265 13.76 6.64 23.39
C ARG A 265 13.21 8.04 23.54
N THR A 266 14.04 9.04 23.30
CA THR A 266 13.51 10.40 23.13
C THR A 266 13.34 10.70 21.65
N VAL A 267 12.53 11.71 21.37
CA VAL A 267 12.39 12.29 20.03
C VAL A 267 12.59 13.79 20.19
N GLY A 268 13.57 14.34 19.48
CA GLY A 268 13.78 15.78 19.55
C GLY A 268 15.02 16.19 20.32
N ASN A 269 15.01 17.41 20.85
CA ASN A 269 16.23 18.07 21.31
C ASN A 269 16.46 17.99 22.82
N ARG A 270 15.48 17.58 23.62
CA ARG A 270 15.65 17.59 25.06
C ARG A 270 16.49 16.40 25.49
N THR A 271 17.64 16.68 26.12
CA THR A 271 18.57 15.60 26.48
C THR A 271 18.49 15.32 27.97
N LEU A 272 17.26 14.96 28.37
CA LEU A 272 16.96 14.62 29.74
C LEU A 272 15.75 13.69 29.70
N ALA A 273 15.75 12.67 30.57
CA ALA A 273 14.57 11.84 30.70
C ALA A 273 14.57 11.18 32.08
N ILE A 274 13.37 10.95 32.60
CA ILE A 274 13.19 10.24 33.86
C ILE A 274 12.85 8.79 33.56
N ILE A 275 13.67 7.89 34.08
CA ILE A 275 13.40 6.46 34.05
C ILE A 275 12.60 6.13 35.30
N GLN A 276 11.41 5.58 35.12
CA GLN A 276 10.51 5.24 36.22
C GLN A 276 10.39 3.73 36.38
N GLY A 277 9.70 3.31 37.43
CA GLY A 277 9.41 1.91 37.67
C GLY A 277 10.57 1.09 38.19
N LEU A 278 11.57 1.70 38.81
CA LEU A 278 12.75 0.97 39.24
C LEU A 278 12.56 0.40 40.65
N LYS A 279 13.48 -0.48 41.04
CA LYS A 279 13.48 -1.07 42.37
C LYS A 279 14.35 -0.26 43.31
N GLY A 280 13.93 -0.16 44.56
CA GLY A 280 14.67 0.63 45.53
C GLY A 280 15.97 -0.04 45.93
N SER A 281 16.91 0.79 46.40
CA SER A 281 18.25 0.39 46.81
C SER A 281 18.87 -0.59 45.82
N SER A 282 18.69 -0.33 44.53
CA SER A 282 19.18 -1.20 43.47
C SER A 282 20.05 -0.40 42.52
N THR A 283 21.10 -1.04 42.01
CA THR A 283 22.05 -0.41 41.11
C THR A 283 21.70 -0.74 39.68
N TYR A 284 21.69 0.29 38.84
CA TYR A 284 21.39 0.15 37.43
C TYR A 284 22.56 0.70 36.62
N TYR A 285 22.82 0.05 35.49
CA TYR A 285 23.75 0.54 34.48
C TYR A 285 22.95 1.21 33.37
N ILE A 286 23.45 2.32 32.84
CA ILE A 286 22.74 3.09 31.83
C ILE A 286 23.73 3.50 30.74
N THR A 287 23.28 3.46 29.48
CA THR A 287 24.02 4.05 28.38
C THR A 287 23.05 4.86 27.54
N VAL A 288 23.61 5.76 26.73
CA VAL A 288 22.81 6.55 25.81
C VAL A 288 23.49 6.53 24.44
N ARG A 289 22.68 6.46 23.39
CA ARG A 289 23.13 6.46 21.99
C ARG A 289 22.23 7.42 21.22
N ALA A 290 22.78 8.06 20.21
CA ALA A 290 21.91 8.80 19.30
C ALA A 290 21.30 7.84 18.28
N TYR A 291 20.22 8.26 17.63
CA TYR A 291 19.66 7.44 16.56
C TYR A 291 19.09 8.35 15.47
N ASN A 292 18.95 7.79 14.27
CA ASN A 292 18.08 8.34 13.22
C ASN A 292 17.39 7.14 12.57
N THR A 293 16.80 7.31 11.39
CA THR A 293 16.03 6.20 10.85
C THR A 293 16.92 5.03 10.39
N ALA A 294 18.24 5.22 10.31
CA ALA A 294 19.12 4.12 9.96
C ALA A 294 19.49 3.25 11.15
N GLY A 295 19.30 3.73 12.36
CA GLY A 295 19.59 2.99 13.57
C GLY A 295 20.37 3.84 14.55
N THR A 296 21.01 3.16 15.52
CA THR A 296 21.68 3.84 16.62
C THR A 296 23.17 3.99 16.36
N GLY A 297 23.73 5.07 16.88
CA GLY A 297 25.16 5.29 16.85
C GLY A 297 25.88 4.65 18.03
N PRO A 298 27.18 4.92 18.17
CA PRO A 298 27.95 4.29 19.25
C PRO A 298 27.44 4.75 20.62
N PRO A 299 27.52 3.89 21.63
CA PRO A 299 27.04 4.30 22.96
C PRO A 299 28.06 5.14 23.72
N SER A 300 27.53 5.89 24.66
CA SER A 300 28.25 6.56 25.73
C SER A 300 28.94 5.51 26.58
N PRO A 301 29.88 5.89 27.43
CA PRO A 301 30.29 4.98 28.50
C PRO A 301 29.11 4.63 29.38
N VAL A 302 29.26 3.53 30.12
CA VAL A 302 28.22 3.07 31.04
C VAL A 302 28.30 3.89 32.32
N VAL A 303 27.17 4.44 32.75
CA VAL A 303 27.03 5.15 34.01
C VAL A 303 26.19 4.30 34.94
N ASN A 304 26.54 4.25 36.21
CA ASN A 304 25.76 3.47 37.14
C ASN A 304 25.14 4.36 38.21
N ILE A 305 23.96 3.95 38.66
CA ILE A 305 23.20 4.71 39.65
C ILE A 305 22.51 3.73 40.58
N THR A 306 22.49 4.06 41.86
CA THR A 306 21.80 3.27 42.86
C THR A 306 20.58 4.05 43.33
N THR A 307 19.41 3.42 43.25
CA THR A 307 18.16 4.09 43.58
C THR A 307 18.08 4.43 45.07
N LYS A 308 16.97 5.09 45.40
CA LYS A 308 16.54 5.43 46.77
C LYS A 308 17.32 6.64 47.28
#